data_3UAZ
#
_entry.id   3UAZ
#
_cell.length_a   122.700
_cell.length_b   122.700
_cell.length_c   68.000
_cell.angle_alpha   90.000
_cell.angle_beta   90.000
_cell.angle_gamma   120.000
#
_symmetry.space_group_name_H-M   'P 63 2 2'
#
loop_
_entity.id
_entity.type
_entity.pdbx_description
1 polymer 'Purine nucleoside phosphorylase deoD-type'
2 non-polymer INOSINE
3 non-polymer 'SULFATE ION'
4 non-polymer GLYCEROL
5 water water
#
_entity_poly.entity_id   1
_entity_poly.type   'polypeptide(L)'
_entity_poly.pdbx_seq_one_letter_code
;MSVHIEAKQGEIAESILLPGDPLRAKYIAETFLEDVTCYNNVRGMLGFTGTYKGKRVSVQGTGMGVPSISIYVNELIQSY
GVKNLIRVGTCGAIQKDVKVRDVIIAMTACTDSNMNRLTFPGFDFAPAANFDLLKKAYDAGTEKGLHVRVGNVLTADVFY
RESMDMVKKLGDYGVLAVEMETTALYTLAAKYGVNALSVLTVSNHIFTGEETTSEERQTTFNEMIEIALDAAIQQ
;
_entity_poly.pdbx_strand_id   A
#
# COMPACT_ATOMS: atom_id res chain seq x y z
N SER A 2 20.45 0.04 -7.28
CA SER A 2 20.01 1.40 -7.57
C SER A 2 20.50 2.32 -6.47
N VAL A 3 20.18 3.61 -6.57
CA VAL A 3 20.76 4.56 -5.64
C VAL A 3 20.39 4.24 -4.18
N HIS A 4 19.14 3.83 -3.94
CA HIS A 4 18.67 3.59 -2.58
C HIS A 4 18.44 2.13 -2.21
N ILE A 5 18.75 1.21 -3.13
CA ILE A 5 18.55 -0.22 -2.91
C ILE A 5 19.82 -0.94 -3.37
N GLU A 6 20.43 -1.72 -2.47
CA GLU A 6 21.71 -2.36 -2.77
C GLU A 6 21.62 -3.75 -3.36
N ALA A 7 20.42 -4.16 -3.75
CA ALA A 7 20.19 -5.50 -4.29
C ALA A 7 20.83 -5.69 -5.65
N LYS A 8 21.26 -6.91 -5.92
CA LYS A 8 21.64 -7.29 -7.27
C LYS A 8 20.41 -7.54 -8.12
N GLN A 9 20.61 -7.37 -9.42
CA GLN A 9 19.64 -7.73 -10.43
C GLN A 9 19.10 -9.13 -10.20
N GLY A 10 17.78 -9.27 -10.17
CA GLY A 10 17.14 -10.56 -9.97
C GLY A 10 16.85 -10.95 -8.53
N GLU A 11 17.36 -10.18 -7.57
CA GLU A 11 17.10 -10.48 -6.16
C GLU A 11 15.71 -10.05 -5.65
N ILE A 12 15.04 -9.18 -6.40
CA ILE A 12 13.73 -8.67 -6.03
C ILE A 12 12.71 -9.31 -6.95
N ALA A 13 11.67 -9.88 -6.37
CA ALA A 13 10.63 -10.54 -7.14
C ALA A 13 9.75 -9.58 -7.91
N GLU A 14 9.06 -10.07 -8.92
CA GLU A 14 8.21 -9.23 -9.74
C GLU A 14 6.98 -8.73 -9.03
N SER A 15 6.56 -9.42 -7.97
CA SER A 15 5.44 -9.01 -7.14
C SER A 15 5.98 -8.56 -5.80
N ILE A 16 5.52 -7.41 -5.31
CA ILE A 16 6.10 -6.85 -4.10
C ILE A 16 5.03 -6.16 -3.27
N LEU A 17 5.13 -6.34 -1.94
CA LEU A 17 4.33 -5.62 -0.96
C LEU A 17 5.16 -4.44 -0.44
N LEU A 18 4.46 -3.32 -0.23
CA LEU A 18 5.10 -2.06 0.10
C LEU A 18 4.50 -1.41 1.37
N PRO A 19 4.88 -1.93 2.55
CA PRO A 19 4.56 -1.22 3.79
C PRO A 19 5.35 0.07 3.90
N GLY A 20 4.85 1.06 4.62
CA GLY A 20 5.61 2.28 4.84
C GLY A 20 6.75 2.06 5.82
N ASP A 21 6.51 1.22 6.82
CA ASP A 21 7.45 0.99 7.91
C ASP A 21 8.38 -0.19 7.58
N PRO A 22 9.70 0.04 7.53
CA PRO A 22 10.58 -1.10 7.22
C PRO A 22 10.53 -2.21 8.25
N LEU A 23 10.21 -1.89 9.51
CA LEU A 23 10.07 -2.93 10.51
C LEU A 23 8.81 -3.77 10.27
N ARG A 24 7.80 -3.21 9.61
CA ARG A 24 6.67 -4.01 9.15
C ARG A 24 7.05 -4.90 7.98
N ALA A 25 7.96 -4.46 7.12
CA ALA A 25 8.48 -5.36 6.09
C ALA A 25 9.13 -6.58 6.73
N LYS A 26 9.93 -6.35 7.76
CA LYS A 26 10.57 -7.44 8.50
C LYS A 26 9.53 -8.37 9.12
N TYR A 27 8.52 -7.80 9.77
CA TYR A 27 7.45 -8.59 10.35
C TYR A 27 6.73 -9.44 9.30
N ILE A 28 6.41 -8.84 8.15
CA ILE A 28 5.73 -9.58 7.10
C ILE A 28 6.58 -10.74 6.58
N ALA A 29 7.86 -10.48 6.30
CA ALA A 29 8.75 -11.53 5.82
C ALA A 29 8.85 -12.66 6.84
N GLU A 30 9.06 -12.31 8.11
CA GLU A 30 9.25 -13.32 9.15
C GLU A 30 7.97 -14.12 9.40
N THR A 31 6.83 -13.45 9.29
CA THR A 31 5.56 -14.07 9.66
C THR A 31 4.97 -14.91 8.55
N PHE A 32 5.13 -14.49 7.30
CA PHE A 32 4.41 -15.11 6.20
C PHE A 32 5.27 -15.86 5.18
N LEU A 33 6.55 -15.53 5.09
CA LEU A 33 7.36 -16.03 3.97
C LEU A 33 8.32 -17.11 4.42
N GLU A 34 8.70 -17.96 3.46
CA GLU A 34 9.72 -18.97 3.66
C GLU A 34 10.95 -18.64 2.81
N ASP A 35 12.09 -19.24 3.12
CA ASP A 35 13.29 -19.11 2.30
C ASP A 35 13.63 -17.63 2.07
N VAL A 36 13.66 -16.88 3.17
CA VAL A 36 13.76 -15.42 3.13
C VAL A 36 15.20 -14.95 3.07
N THR A 37 15.45 -13.93 2.25
N THR A 37 15.46 -13.98 2.19
CA THR A 37 16.72 -13.23 2.26
CA THR A 37 16.72 -13.24 2.16
C THR A 37 16.49 -11.73 2.26
C THR A 37 16.38 -11.77 2.42
N CYS A 38 17.31 -11.03 3.03
CA CYS A 38 17.23 -9.57 3.12
C CYS A 38 18.16 -9.03 2.06
N TYR A 39 17.62 -8.29 1.10
CA TYR A 39 18.40 -7.78 -0.02
C TYR A 39 18.78 -6.32 0.14
N ASN A 40 18.23 -5.63 1.14
CA ASN A 40 18.56 -4.21 1.33
C ASN A 40 18.52 -3.76 2.77
N ASN A 41 19.54 -3.00 3.15
CA ASN A 41 19.66 -2.33 4.44
CA ASN A 41 19.50 -2.26 4.41
C ASN A 41 20.00 -0.83 4.29
N VAL A 42 20.13 -0.35 3.05
CA VAL A 42 20.47 1.06 2.83
C VAL A 42 19.42 1.95 3.51
N ARG A 43 19.87 2.94 4.30
CA ARG A 43 19.01 3.83 5.07
C ARG A 43 18.08 3.11 6.03
N GLY A 44 18.41 1.87 6.35
CA GLY A 44 17.56 1.06 7.20
C GLY A 44 16.26 0.65 6.54
N MET A 45 16.15 0.87 5.23
CA MET A 45 14.88 0.66 4.55
C MET A 45 14.81 -0.78 4.04
N LEU A 46 14.55 -1.67 4.99
CA LEU A 46 14.62 -3.11 4.78
C LEU A 46 13.77 -3.58 3.63
N GLY A 47 14.34 -4.50 2.87
CA GLY A 47 13.65 -5.23 1.84
C GLY A 47 14.02 -6.70 1.86
N PHE A 48 13.03 -7.56 1.59
CA PHE A 48 13.18 -9.00 1.69
C PHE A 48 12.56 -9.70 0.50
N THR A 49 13.09 -10.86 0.16
CA THR A 49 12.45 -11.75 -0.81
C THR A 49 12.33 -13.13 -0.19
N GLY A 50 11.19 -13.77 -0.44
CA GLY A 50 10.94 -15.10 0.07
C GLY A 50 9.86 -15.75 -0.75
N THR A 51 9.30 -16.83 -0.21
N THR A 51 9.34 -16.87 -0.27
CA THR A 51 8.25 -17.56 -0.89
CA THR A 51 8.33 -17.59 -1.03
C THR A 51 6.99 -17.64 -0.02
C THR A 51 6.98 -17.60 -0.29
N TYR A 52 5.82 -17.51 -0.67
N TYR A 52 5.91 -17.49 -1.05
CA TYR A 52 4.53 -17.65 0.00
CA TYR A 52 4.56 -17.57 -0.52
C TYR A 52 3.67 -18.61 -0.80
C TYR A 52 3.74 -18.46 -1.42
N LYS A 53 3.29 -19.71 -0.16
N LYS A 53 3.19 -19.52 -0.84
CA LYS A 53 2.57 -20.78 -0.83
CA LYS A 53 2.42 -20.52 -1.59
C LYS A 53 3.30 -21.16 -2.13
C LYS A 53 3.17 -20.91 -2.86
N GLY A 54 4.63 -21.11 -2.09
N GLY A 54 4.44 -21.26 -2.66
CA GLY A 54 5.45 -21.56 -3.20
CA GLY A 54 5.29 -21.72 -3.73
C GLY A 54 5.93 -20.56 -4.27
C GLY A 54 5.69 -20.59 -4.65
N LYS A 55 5.35 -19.35 -4.30
CA LYS A 55 5.67 -18.28 -5.24
C LYS A 55 6.63 -17.23 -4.64
N ARG A 56 7.64 -16.80 -5.39
N ARG A 56 7.63 -16.80 -5.40
CA ARG A 56 8.58 -15.76 -4.92
CA ARG A 56 8.50 -15.73 -4.92
C ARG A 56 7.88 -14.41 -4.88
C ARG A 56 7.73 -14.45 -4.83
N VAL A 57 7.99 -13.74 -3.74
N VAL A 57 8.10 -13.67 -3.83
CA VAL A 57 7.40 -12.42 -3.53
CA VAL A 57 7.50 -12.38 -3.59
C VAL A 57 8.31 -11.59 -2.62
C VAL A 57 8.50 -11.59 -2.77
N SER A 58 8.38 -10.27 -2.86
CA SER A 58 9.22 -9.39 -2.07
C SER A 58 8.37 -8.50 -1.17
N VAL A 59 9.04 -7.86 -0.22
N VAL A 59 9.00 -7.98 -0.12
CA VAL A 59 8.41 -6.88 0.65
CA VAL A 59 8.32 -7.10 0.82
C VAL A 59 9.45 -5.81 0.99
C VAL A 59 9.32 -6.09 1.30
N GLN A 60 9.09 -4.54 0.77
N GLN A 60 8.99 -4.82 1.15
CA GLN A 60 10.05 -3.43 0.77
CA GLN A 60 9.95 -3.77 1.40
C GLN A 60 9.44 -2.24 1.52
C GLN A 60 9.29 -2.52 1.88
N GLY A 61 10.08 -1.74 2.59
CA GLY A 61 9.62 -0.52 3.19
C GLY A 61 9.74 0.65 2.22
N THR A 62 8.84 1.62 2.34
CA THR A 62 8.86 2.80 1.46
C THR A 62 9.17 4.09 2.15
N GLY A 63 9.07 4.12 3.48
CA GLY A 63 9.07 5.38 4.19
C GLY A 63 7.74 6.09 4.03
N MET A 64 7.65 7.29 4.61
CA MET A 64 6.39 8.03 4.67
C MET A 64 6.40 9.19 3.72
N GLY A 65 5.32 9.34 2.96
CA GLY A 65 5.13 10.48 2.08
C GLY A 65 5.42 10.22 0.61
N VAL A 66 4.75 10.98 -0.22
CA VAL A 66 4.90 10.90 -1.68
C VAL A 66 6.37 10.90 -2.14
N PRO A 67 7.22 11.80 -1.61
CA PRO A 67 8.59 11.81 -2.13
C PRO A 67 9.38 10.54 -1.80
N SER A 68 9.16 9.99 -0.60
CA SER A 68 9.88 8.80 -0.21
C SER A 68 9.42 7.60 -1.03
N ILE A 69 8.12 7.35 -1.07
CA ILE A 69 7.67 6.18 -1.83
C ILE A 69 8.00 6.34 -3.31
N SER A 70 8.00 7.57 -3.84
CA SER A 70 8.33 7.76 -5.26
C SER A 70 9.74 7.27 -5.57
N ILE A 71 10.68 7.53 -4.67
CA ILE A 71 12.05 7.07 -4.87
C ILE A 71 12.06 5.55 -5.01
N TYR A 72 11.45 4.85 -4.06
CA TYR A 72 11.52 3.39 -4.07
C TYR A 72 10.76 2.80 -5.24
N VAL A 73 9.59 3.34 -5.55
CA VAL A 73 8.79 2.79 -6.64
C VAL A 73 9.50 3.00 -7.98
N ASN A 74 10.06 4.17 -8.23
CA ASN A 74 10.83 4.38 -9.45
C ASN A 74 11.95 3.35 -9.58
N GLU A 75 12.70 3.13 -8.52
CA GLU A 75 13.84 2.22 -8.60
C GLU A 75 13.37 0.78 -8.78
N LEU A 76 12.33 0.39 -8.06
CA LEU A 76 11.82 -0.98 -8.20
C LEU A 76 11.36 -1.27 -9.61
N ILE A 77 10.63 -0.33 -10.19
CA ILE A 77 10.10 -0.52 -11.54
C ILE A 77 11.21 -0.43 -12.58
N GLN A 78 12.02 0.61 -12.52
CA GLN A 78 12.97 0.92 -13.60
C GLN A 78 14.26 0.12 -13.50
N SER A 79 14.72 -0.20 -12.30
CA SER A 79 15.98 -0.94 -12.13
C SER A 79 15.81 -2.41 -11.82
N TYR A 80 14.67 -2.81 -11.23
CA TYR A 80 14.48 -4.20 -10.81
C TYR A 80 13.34 -4.92 -11.50
N GLY A 81 12.67 -4.27 -12.45
CA GLY A 81 11.69 -4.93 -13.28
C GLY A 81 10.45 -5.41 -12.55
N VAL A 82 10.08 -4.77 -11.45
CA VAL A 82 8.89 -5.18 -10.72
C VAL A 82 7.62 -4.84 -11.52
N LYS A 83 6.64 -5.73 -11.39
N LYS A 83 6.62 -5.71 -11.43
CA LYS A 83 5.43 -5.70 -12.23
CA LYS A 83 5.40 -5.57 -12.25
C LYS A 83 4.14 -5.45 -11.45
C LYS A 83 4.10 -5.46 -11.46
N ASN A 84 4.09 -5.92 -10.21
CA ASN A 84 2.89 -5.86 -9.38
C ASN A 84 3.29 -5.34 -8.03
N LEU A 85 2.72 -4.20 -7.65
CA LEU A 85 3.10 -3.48 -6.44
C LEU A 85 1.89 -3.23 -5.59
N ILE A 86 1.89 -3.74 -4.36
CA ILE A 86 0.74 -3.57 -3.49
C ILE A 86 1.19 -2.92 -2.20
N ARG A 87 0.81 -1.66 -2.01
CA ARG A 87 1.02 -1.00 -0.75
C ARG A 87 0.12 -1.62 0.31
N VAL A 88 0.70 -1.90 1.47
CA VAL A 88 -0.02 -2.46 2.60
C VAL A 88 0.26 -1.56 3.77
N GLY A 89 -0.74 -0.83 4.20
CA GLY A 89 -0.47 0.22 5.14
C GLY A 89 -1.61 0.46 6.08
N THR A 90 -1.54 1.61 6.72
CA THR A 90 -2.56 2.06 7.66
C THR A 90 -3.10 3.40 7.18
N CYS A 91 -4.23 3.79 7.74
CA CYS A 91 -4.85 5.06 7.41
C CYS A 91 -5.75 5.54 8.53
N GLY A 92 -6.10 6.82 8.49
CA GLY A 92 -7.00 7.42 9.46
C GLY A 92 -8.35 7.71 8.84
N ALA A 93 -9.42 7.20 9.43
CA ALA A 93 -10.75 7.39 8.84
C ALA A 93 -11.20 8.85 8.97
N ILE A 94 -11.83 9.35 7.91
CA ILE A 94 -12.41 10.69 7.94
C ILE A 94 -13.94 10.66 7.67
N GLN A 95 -14.55 9.49 7.90
CA GLN A 95 -16.02 9.28 7.89
C GLN A 95 -16.43 8.52 9.14
N LYS A 96 -17.57 8.87 9.73
CA LYS A 96 -18.07 8.14 10.89
C LYS A 96 -18.44 6.71 10.49
N ASP A 97 -18.86 6.57 9.23
CA ASP A 97 -19.31 5.27 8.73
C ASP A 97 -18.16 4.31 8.51
N VAL A 98 -16.94 4.86 8.39
CA VAL A 98 -15.75 4.04 8.29
C VAL A 98 -15.27 3.71 9.69
N LYS A 99 -14.99 2.45 9.94
CA LYS A 99 -14.63 1.99 11.27
C LYS A 99 -13.18 1.56 11.37
N VAL A 100 -12.57 1.80 12.51
CA VAL A 100 -11.29 1.24 12.83
C VAL A 100 -11.36 -0.27 12.65
N ARG A 101 -10.31 -0.84 12.08
CA ARG A 101 -10.17 -2.24 11.65
C ARG A 101 -10.87 -2.59 10.33
N ASP A 102 -11.53 -1.63 9.69
CA ASP A 102 -11.95 -1.84 8.31
C ASP A 102 -10.71 -1.92 7.42
N VAL A 103 -10.83 -2.61 6.30
CA VAL A 103 -9.80 -2.63 5.28
C VAL A 103 -10.32 -1.82 4.11
N ILE A 104 -9.54 -0.84 3.70
CA ILE A 104 -9.89 -0.02 2.56
CA ILE A 104 -9.85 0.02 2.58
C ILE A 104 -9.01 -0.39 1.37
N ILE A 105 -9.64 -0.59 0.22
N ILE A 105 -9.66 -0.60 0.23
CA ILE A 105 -8.94 -0.80 -1.03
CA ILE A 105 -8.96 -0.80 -1.04
C ILE A 105 -9.18 0.48 -1.83
C ILE A 105 -9.17 0.44 -1.89
N ALA A 106 -8.10 1.21 -2.11
CA ALA A 106 -8.21 2.49 -2.78
C ALA A 106 -8.43 2.36 -4.28
N MET A 107 -9.59 2.82 -4.76
N MET A 107 -9.57 2.84 -4.75
CA MET A 107 -9.85 2.92 -6.20
CA MET A 107 -9.80 2.85 -6.18
C MET A 107 -8.99 3.99 -6.81
C MET A 107 -9.08 4.02 -6.84
N THR A 108 -8.88 5.10 -6.09
CA THR A 108 -8.21 6.30 -6.55
C THR A 108 -7.83 7.09 -5.29
N ALA A 109 -7.15 8.22 -5.47
CA ALA A 109 -6.70 9.05 -4.36
C ALA A 109 -6.77 10.51 -4.76
N CYS A 110 -7.25 11.33 -3.82
CA CYS A 110 -7.12 12.78 -3.84
C CYS A 110 -5.77 13.15 -3.25
N THR A 111 -5.31 14.37 -3.45
CA THR A 111 -4.06 14.78 -2.82
C THR A 111 -3.93 16.27 -2.64
N ASP A 112 -3.14 16.68 -1.66
CA ASP A 112 -2.64 18.05 -1.61
C ASP A 112 -1.19 18.17 -2.11
N SER A 113 -0.63 17.09 -2.63
CA SER A 113 0.67 17.15 -3.28
C SER A 113 0.59 17.91 -4.59
N ASN A 114 1.69 18.55 -4.98
CA ASN A 114 1.84 19.19 -6.27
C ASN A 114 2.40 18.24 -7.34
N MET A 115 2.62 16.97 -7.02
CA MET A 115 3.40 16.15 -7.95
C MET A 115 2.76 16.06 -9.32
N ASN A 116 1.44 15.93 -9.36
CA ASN A 116 0.77 15.74 -10.65
C ASN A 116 0.40 17.06 -11.31
N ARG A 117 0.22 18.12 -10.54
CA ARG A 117 -0.01 19.42 -11.15
C ARG A 117 1.22 19.86 -11.93
N LEU A 118 2.40 19.49 -11.48
CA LEU A 118 3.62 19.79 -12.20
C LEU A 118 3.69 19.03 -13.51
N THR A 119 3.27 17.77 -13.50
CA THR A 119 3.34 16.90 -14.66
C THR A 119 2.25 17.23 -15.69
N PHE A 120 1.08 17.63 -15.22
CA PHE A 120 -0.07 17.90 -16.08
C PHE A 120 -0.63 19.30 -15.74
N PRO A 121 0.11 20.35 -16.10
N PRO A 121 0.10 20.35 -16.12
CA PRO A 121 -0.33 21.68 -15.66
CA PRO A 121 -0.34 21.71 -15.79
C PRO A 121 -1.71 22.03 -16.19
C PRO A 121 -1.77 21.99 -16.22
N GLY A 122 -2.57 22.51 -15.29
CA GLY A 122 -3.93 22.88 -15.60
C GLY A 122 -4.93 21.75 -15.47
N PHE A 123 -4.48 20.52 -15.20
CA PHE A 123 -5.36 19.38 -15.06
C PHE A 123 -5.36 18.80 -13.66
N ASP A 124 -6.48 18.17 -13.30
N ASP A 124 -6.49 18.21 -13.28
CA ASP A 124 -6.57 17.28 -12.14
CA ASP A 124 -6.57 17.29 -12.15
C ASP A 124 -6.40 15.85 -12.60
C ASP A 124 -6.32 15.90 -12.73
N PHE A 125 -5.25 15.25 -12.26
CA PHE A 125 -4.98 13.87 -12.59
C PHE A 125 -5.52 13.00 -11.48
N ALA A 126 -6.38 12.06 -11.86
CA ALA A 126 -6.95 11.12 -10.90
C ALA A 126 -6.24 9.79 -11.02
N PRO A 127 -5.32 9.49 -10.07
N PRO A 127 -5.45 9.42 -10.01
CA PRO A 127 -4.52 8.25 -10.12
CA PRO A 127 -4.79 8.13 -10.15
C PRO A 127 -5.37 7.04 -9.79
C PRO A 127 -5.81 7.00 -10.16
N ALA A 128 -5.36 6.02 -10.65
N ALA A 128 -5.46 5.88 -10.76
CA ALA A 128 -6.28 4.90 -10.53
CA ALA A 128 -6.37 4.74 -10.81
C ALA A 128 -5.54 3.59 -10.25
C ALA A 128 -5.65 3.46 -10.44
N ALA A 129 -6.20 2.73 -9.47
CA ALA A 129 -5.71 1.38 -9.20
C ALA A 129 -5.80 0.54 -10.45
N ASN A 130 -4.98 -0.50 -10.54
CA ASN A 130 -5.20 -1.52 -11.53
C ASN A 130 -6.45 -2.31 -11.17
N PHE A 131 -7.45 -2.32 -12.05
CA PHE A 131 -8.71 -2.95 -11.70
C PHE A 131 -8.57 -4.46 -11.48
N ASP A 132 -7.77 -5.12 -12.29
CA ASP A 132 -7.64 -6.56 -12.12
C ASP A 132 -7.08 -6.91 -10.74
N LEU A 133 -6.04 -6.20 -10.29
CA LEU A 133 -5.54 -6.42 -8.93
C LEU A 133 -6.59 -6.05 -7.89
N LEU A 134 -7.29 -4.92 -8.11
CA LEU A 134 -8.32 -4.50 -7.19
C LEU A 134 -9.39 -5.57 -6.98
N LYS A 135 -9.87 -6.15 -8.07
CA LYS A 135 -10.90 -7.16 -8.01
C LYS A 135 -10.38 -8.41 -7.28
N LYS A 136 -9.14 -8.79 -7.56
N LYS A 136 -9.15 -8.78 -7.57
CA LYS A 136 -8.56 -9.97 -6.90
CA LYS A 136 -8.55 -9.93 -6.93
C LYS A 136 -8.46 -9.77 -5.39
C LYS A 136 -8.55 -9.74 -5.41
N ALA A 137 -8.08 -8.58 -4.97
CA ALA A 137 -7.99 -8.28 -3.53
C ALA A 137 -9.35 -8.19 -2.90
N TYR A 138 -10.29 -7.55 -3.61
CA TYR A 138 -11.65 -7.47 -3.12
C TYR A 138 -12.25 -8.85 -2.92
N ASP A 139 -12.11 -9.70 -3.93
CA ASP A 139 -12.67 -11.04 -3.82
C ASP A 139 -12.00 -11.81 -2.68
N ALA A 140 -10.68 -11.67 -2.54
CA ALA A 140 -9.96 -12.39 -1.48
C ALA A 140 -10.37 -11.88 -0.11
N GLY A 141 -10.60 -10.58 0.03
CA GLY A 141 -10.96 -10.04 1.34
C GLY A 141 -12.39 -10.35 1.70
N THR A 142 -13.24 -10.37 0.69
CA THR A 142 -14.62 -10.76 0.89
C THR A 142 -14.65 -12.21 1.39
N GLU A 143 -13.93 -13.09 0.70
N GLU A 143 -13.92 -13.10 0.72
CA GLU A 143 -13.86 -14.51 1.08
CA GLU A 143 -13.91 -14.51 1.11
C GLU A 143 -13.28 -14.69 2.48
C GLU A 143 -13.22 -14.74 2.46
N LYS A 144 -12.26 -13.88 2.80
CA LYS A 144 -11.57 -13.96 4.09
C LYS A 144 -12.42 -13.50 5.27
N GLY A 145 -13.51 -12.79 4.99
CA GLY A 145 -14.45 -12.40 6.01
C GLY A 145 -14.15 -11.03 6.60
N LEU A 146 -13.39 -10.20 5.88
CA LEU A 146 -13.06 -8.84 6.34
C LEU A 146 -14.18 -7.86 5.96
N HIS A 147 -14.25 -6.75 6.70
CA HIS A 147 -15.03 -5.59 6.28
C HIS A 147 -14.19 -4.80 5.30
N VAL A 148 -14.48 -4.96 4.02
CA VAL A 148 -13.73 -4.34 2.96
C VAL A 148 -14.53 -3.19 2.39
N ARG A 149 -13.92 -2.02 2.30
CA ARG A 149 -14.53 -0.84 1.69
C ARG A 149 -13.69 -0.45 0.51
N VAL A 150 -14.30 -0.25 -0.65
CA VAL A 150 -13.61 0.16 -1.85
C VAL A 150 -14.01 1.59 -2.15
N GLY A 151 -13.05 2.50 -2.26
CA GLY A 151 -13.38 3.88 -2.50
C GLY A 151 -12.19 4.77 -2.59
N ASN A 152 -12.41 6.04 -2.29
CA ASN A 152 -11.46 7.11 -2.42
C ASN A 152 -10.71 7.37 -1.12
N VAL A 153 -9.44 7.75 -1.22
CA VAL A 153 -8.65 8.17 -0.05
C VAL A 153 -8.00 9.50 -0.34
N LEU A 154 -7.51 10.16 0.71
CA LEU A 154 -6.65 11.33 0.58
C LEU A 154 -5.21 10.93 0.81
N THR A 155 -4.35 11.22 -0.14
CA THR A 155 -2.90 11.14 0.02
C THR A 155 -2.44 12.54 0.44
N ALA A 156 -2.05 12.66 1.69
CA ALA A 156 -1.66 13.94 2.28
C ALA A 156 -0.15 14.12 2.33
N ASP A 157 0.32 15.36 2.09
CA ASP A 157 1.71 15.73 2.39
C ASP A 157 1.91 16.06 3.87
N VAL A 158 0.85 16.50 4.52
N VAL A 158 0.83 16.41 4.54
CA VAL A 158 1.00 16.90 5.91
CA VAL A 158 0.89 16.99 5.88
C VAL A 158 0.18 16.00 6.81
C VAL A 158 0.15 16.16 6.92
N PHE A 159 0.88 15.41 7.73
CA PHE A 159 0.28 14.60 8.79
C PHE A 159 -0.37 15.53 9.82
N TYR A 160 0.33 16.61 10.17
CA TYR A 160 -0.13 17.64 11.11
C TYR A 160 -0.61 18.86 10.35
N ARG A 161 -1.92 18.96 10.18
CA ARG A 161 -2.51 20.01 9.39
C ARG A 161 -3.10 21.02 10.35
N GLU A 162 -2.86 22.30 10.14
CA GLU A 162 -3.33 23.31 11.07
C GLU A 162 -4.84 23.45 11.11
N SER A 163 -5.47 23.45 9.94
CA SER A 163 -6.92 23.48 9.84
C SER A 163 -7.41 22.18 9.20
N MET A 164 -8.45 21.60 9.77
CA MET A 164 -9.01 20.37 9.25
C MET A 164 -10.21 20.62 8.33
N ASP A 165 -10.51 21.87 8.01
CA ASP A 165 -11.71 22.17 7.23
C ASP A 165 -11.78 21.38 5.92
N MET A 166 -10.69 21.32 5.19
CA MET A 166 -10.72 20.65 3.90
C MET A 166 -10.77 19.14 4.02
N VAL A 167 -10.15 18.58 5.06
CA VAL A 167 -10.25 17.15 5.29
C VAL A 167 -11.70 16.78 5.65
N LYS A 168 -12.35 17.57 6.49
CA LYS A 168 -13.77 17.35 6.77
C LYS A 168 -14.61 17.43 5.49
N LYS A 169 -14.33 18.43 4.65
CA LYS A 169 -15.08 18.60 3.42
C LYS A 169 -14.89 17.38 2.48
N LEU A 170 -13.66 16.91 2.35
CA LEU A 170 -13.43 15.71 1.57
C LEU A 170 -14.22 14.52 2.10
N GLY A 171 -14.28 14.39 3.42
CA GLY A 171 -15.13 13.36 4.03
C GLY A 171 -16.59 13.50 3.64
N ASP A 172 -17.07 14.73 3.51
CA ASP A 172 -18.46 14.99 3.10
C ASP A 172 -18.69 14.64 1.63
N TYR A 173 -17.61 14.51 0.87
CA TYR A 173 -17.67 14.05 -0.52
C TYR A 173 -17.24 12.61 -0.67
N GLY A 174 -17.32 11.87 0.43
CA GLY A 174 -17.17 10.42 0.37
C GLY A 174 -15.76 9.88 0.52
N VAL A 175 -14.76 10.75 0.68
CA VAL A 175 -13.38 10.28 0.83
C VAL A 175 -13.30 9.55 2.17
N LEU A 176 -12.71 8.36 2.16
CA LEU A 176 -12.85 7.45 3.30
C LEU A 176 -11.84 7.68 4.40
N ALA A 177 -10.60 8.00 4.04
CA ALA A 177 -9.50 7.97 4.99
C ALA A 177 -8.33 8.74 4.44
N VAL A 178 -7.40 9.08 5.32
CA VAL A 178 -6.17 9.78 4.98
C VAL A 178 -4.94 8.89 5.17
N GLU A 179 -4.03 8.96 4.21
CA GLU A 179 -2.74 8.26 4.25
C GLU A 179 -1.77 9.12 3.47
N MET A 180 -0.57 8.62 3.15
CA MET A 180 0.48 9.52 2.64
C MET A 180 1.27 8.97 1.46
N GLU A 181 0.75 8.02 0.69
CA GLU A 181 1.55 7.39 -0.37
C GLU A 181 0.84 7.05 -1.66
N THR A 182 -0.46 6.82 -1.62
CA THR A 182 -1.14 6.17 -2.75
C THR A 182 -1.06 6.94 -4.07
N THR A 183 -1.26 8.26 -4.06
CA THR A 183 -1.16 9.02 -5.30
C THR A 183 0.12 8.69 -6.05
N ALA A 184 1.24 8.63 -5.34
CA ALA A 184 2.51 8.42 -6.00
C ALA A 184 2.64 7.00 -6.58
N LEU A 185 2.25 6.01 -5.80
CA LEU A 185 2.29 4.63 -6.26
C LEU A 185 1.44 4.45 -7.51
N TYR A 186 0.20 4.95 -7.47
CA TYR A 186 -0.71 4.72 -8.59
C TYR A 186 -0.27 5.48 -9.83
N THR A 187 0.26 6.69 -9.66
CA THR A 187 0.67 7.52 -10.78
C THR A 187 1.88 6.91 -11.49
N LEU A 188 2.87 6.51 -10.70
CA LEU A 188 4.08 5.95 -11.26
C LEU A 188 3.84 4.59 -11.91
N ALA A 189 3.01 3.75 -11.28
CA ALA A 189 2.69 2.48 -11.90
C ALA A 189 2.04 2.70 -13.25
N ALA A 190 1.12 3.64 -13.34
CA ALA A 190 0.46 3.94 -14.61
C ALA A 190 1.44 4.46 -15.65
N LYS A 191 2.34 5.35 -15.24
CA LYS A 191 3.38 5.87 -16.10
C LYS A 191 4.17 4.76 -16.78
N TYR A 192 4.51 3.74 -16.02
CA TYR A 192 5.37 2.67 -16.49
C TYR A 192 4.64 1.43 -16.96
N GLY A 193 3.30 1.48 -16.97
CA GLY A 193 2.52 0.36 -17.48
C GLY A 193 2.52 -0.88 -16.62
N VAL A 194 2.67 -0.72 -15.31
CA VAL A 194 2.64 -1.86 -14.39
C VAL A 194 1.45 -1.73 -13.45
N ASN A 195 1.28 -2.69 -12.54
CA ASN A 195 0.04 -2.87 -11.80
C ASN A 195 0.21 -2.54 -10.34
N ALA A 196 -0.63 -1.61 -9.85
CA ALA A 196 -0.55 -1.21 -8.46
C ALA A 196 -1.90 -1.21 -7.75
N LEU A 197 -1.83 -1.36 -6.43
CA LEU A 197 -2.99 -1.34 -5.56
C LEU A 197 -2.52 -0.92 -4.17
N SER A 198 -3.41 -0.25 -3.41
CA SER A 198 -3.19 0.02 -2.01
C SER A 198 -4.29 -0.62 -1.20
N VAL A 199 -3.89 -1.36 -0.17
N VAL A 199 -3.90 -1.46 -0.26
CA VAL A 199 -4.79 -2.08 0.74
CA VAL A 199 -4.83 -1.98 0.72
C VAL A 199 -4.42 -1.65 2.16
C VAL A 199 -4.39 -1.44 2.07
N LEU A 200 -5.35 -0.99 2.85
CA LEU A 200 -5.04 -0.27 4.07
C LEU A 200 -5.93 -0.71 5.22
N THR A 201 -5.34 -0.81 6.40
CA THR A 201 -6.12 -1.04 7.60
C THR A 201 -6.39 0.30 8.26
N VAL A 202 -7.64 0.57 8.61
CA VAL A 202 -7.98 1.77 9.34
C VAL A 202 -7.50 1.63 10.79
N SER A 203 -6.57 2.48 11.21
CA SER A 203 -5.97 2.35 12.53
C SER A 203 -6.47 3.35 13.53
N ASN A 204 -7.14 4.40 13.06
CA ASN A 204 -7.65 5.46 13.91
C ASN A 204 -8.75 6.24 13.20
N HIS A 205 -9.52 7.01 13.96
N HIS A 205 -9.56 6.96 13.94
CA HIS A 205 -10.43 8.01 13.41
CA HIS A 205 -10.55 7.84 13.35
C HIS A 205 -9.80 9.38 13.59
C HIS A 205 -10.16 9.25 13.72
N ILE A 206 -9.88 10.18 12.55
N ILE A 206 -9.89 10.06 12.71
CA ILE A 206 -9.33 11.53 12.62
CA ILE A 206 -9.29 11.37 12.93
C ILE A 206 -10.20 12.46 13.45
C ILE A 206 -10.19 12.33 13.67
N PHE A 207 -11.50 12.18 13.51
CA PHE A 207 -12.45 13.08 14.16
C PHE A 207 -13.11 12.55 15.45
N THR A 208 -12.91 11.27 15.77
CA THR A 208 -13.41 10.74 17.06
C THR A 208 -12.27 10.52 18.03
N GLY A 209 -11.05 10.51 17.51
CA GLY A 209 -9.87 10.33 18.33
C GLY A 209 -9.56 8.88 18.68
N GLU A 210 -10.38 7.95 18.22
CA GLU A 210 -10.11 6.54 18.46
C GLU A 210 -8.82 6.13 17.77
N GLU A 211 -8.05 5.26 18.42
CA GLU A 211 -6.75 4.86 17.91
C GLU A 211 -6.41 3.45 18.37
N THR A 212 -5.45 2.84 17.69
CA THR A 212 -5.00 1.49 18.02
C THR A 212 -3.47 1.38 17.95
N THR A 213 -2.92 0.48 18.76
CA THR A 213 -1.54 0.07 18.61
C THR A 213 -1.49 -1.04 17.59
N SER A 214 -0.28 -1.38 17.12
CA SER A 214 -0.11 -2.51 16.22
C SER A 214 -0.80 -3.77 16.77
N GLU A 215 -0.54 -4.09 18.04
CA GLU A 215 -1.09 -5.30 18.64
C GLU A 215 -2.63 -5.30 18.61
N GLU A 216 -3.22 -4.13 18.77
CA GLU A 216 -4.67 -3.98 18.86
C GLU A 216 -5.38 -4.10 17.51
N ARG A 217 -4.61 -4.16 16.42
CA ARG A 217 -5.21 -4.33 15.09
C ARG A 217 -4.55 -5.48 14.33
N GLN A 218 -3.76 -6.28 15.03
CA GLN A 218 -2.88 -7.26 14.40
C GLN A 218 -3.61 -8.40 13.70
N THR A 219 -4.74 -8.84 14.22
CA THR A 219 -5.42 -9.96 13.58
C THR A 219 -5.96 -9.51 12.24
N THR A 220 -6.54 -8.30 12.23
CA THR A 220 -7.05 -7.71 11.00
C THR A 220 -5.87 -7.47 10.08
N PHE A 221 -4.80 -6.90 10.61
N PHE A 221 -4.81 -6.89 10.61
CA PHE A 221 -3.61 -6.61 9.81
CA PHE A 221 -3.64 -6.60 9.80
C PHE A 221 -3.11 -7.86 9.07
C PHE A 221 -3.02 -7.87 9.21
N ASN A 222 -2.92 -8.95 9.81
N ASN A 222 -2.92 -8.92 10.00
CA ASN A 222 -2.48 -10.19 9.19
CA ASN A 222 -2.47 -10.20 9.46
C ASN A 222 -3.43 -10.68 8.11
C ASN A 222 -3.37 -10.67 8.32
N GLU A 223 -4.73 -10.58 8.35
N GLU A 223 -4.68 -10.60 8.51
CA GLU A 223 -5.71 -10.94 7.33
CA GLU A 223 -5.60 -11.06 7.48
C GLU A 223 -5.58 -9.99 6.15
C GLU A 223 -5.47 -10.23 6.20
N MET A 224 -5.31 -8.73 6.44
N MET A 224 -5.25 -8.93 6.36
CA MET A 224 -5.10 -7.76 5.38
CA MET A 224 -5.05 -8.05 5.21
C MET A 224 -3.86 -8.13 4.57
C MET A 224 -3.78 -8.38 4.43
N ILE A 225 -2.83 -8.63 5.25
N ILE A 225 -2.67 -8.65 5.14
CA ILE A 225 -1.60 -9.03 4.57
CA ILE A 225 -1.47 -9.09 4.46
C ILE A 225 -1.78 -10.30 3.71
C ILE A 225 -1.75 -10.35 3.65
N GLU A 226 -2.52 -11.26 4.22
CA GLU A 226 -2.85 -12.49 3.49
C GLU A 226 -3.56 -12.20 2.18
N ILE A 227 -4.53 -11.29 2.18
N ILE A 227 -4.49 -11.28 2.16
CA ILE A 227 -5.24 -11.02 0.95
CA ILE A 227 -5.21 -11.08 0.92
C ILE A 227 -4.35 -10.29 -0.04
C ILE A 227 -4.44 -10.18 -0.06
N ALA A 228 -3.50 -9.39 0.46
CA ALA A 228 -2.56 -8.69 -0.42
C ALA A 228 -1.60 -9.68 -1.07
N LEU A 229 -1.12 -10.65 -0.29
CA LEU A 229 -0.23 -11.68 -0.84
C LEU A 229 -0.97 -12.51 -1.86
N ASP A 230 -2.21 -12.88 -1.56
CA ASP A 230 -3.01 -13.66 -2.50
C ASP A 230 -3.19 -12.91 -3.83
N ALA A 231 -3.52 -11.62 -3.75
N ALA A 231 -3.45 -11.60 -3.74
CA ALA A 231 -3.73 -10.83 -4.97
CA ALA A 231 -3.61 -10.79 -4.93
C ALA A 231 -2.41 -10.68 -5.71
C ALA A 231 -2.28 -10.72 -5.70
N ALA A 232 -1.32 -10.99 -5.01
N ALA A 232 -1.30 -10.03 -5.10
CA ALA A 232 0.01 -10.88 -5.60
CA ALA A 232 -0.04 -9.66 -5.77
C ALA A 232 0.36 -12.16 -6.33
C ALA A 232 0.66 -10.79 -6.53
N ILE A 233 0.11 -13.30 -5.70
N ILE A 233 0.56 -12.01 -6.03
CA ILE A 233 0.53 -14.59 -6.24
CA ILE A 233 1.34 -13.15 -6.54
C ILE A 233 -0.35 -15.05 -7.40
C ILE A 233 0.79 -13.87 -7.78
N GLN A 234 -1.39 -14.28 -7.71
N GLN A 234 -0.14 -14.79 -7.55
CA GLN A 234 -2.25 -14.60 -8.86
CA GLN A 234 -0.39 -15.92 -8.47
C GLN A 234 -1.73 -13.91 -10.11
C GLN A 234 0.02 -15.64 -9.92
#